data_3GM0
#
_entry.id   3GM0
#
_cell.length_a   34.720
_cell.length_b   64.806
_cell.length_c   48.322
_cell.angle_alpha   90.000
_cell.angle_beta   98.970
_cell.angle_gamma   90.000
#
_symmetry.space_group_name_H-M   'P 1 21 1'
#
loop_
_entity.id
_entity.type
_entity.pdbx_description
1 polymer 'anti-methamphetamine single chain Fv'
2 non-polymer (2S)-1-(1,3-benzodioxol-5-yl)-N-methylpropan-2-amine
3 water water
#
_entity_poly.entity_id   1
_entity_poly.type   'polypeptide(L)'
_entity_poly.pdbx_seq_one_letter_code
;DYKDDDDKEVQLQESGPSLVKPSQTLSLTCSVTGDSVTSGYWSWIRQFPGNKLDYMGYISYRGSTYYNPSLKSRISITRD
TSKNQVYLQLKSVSSEDTATYYCSYFDSDDYAMEYWGQGTSVTVSGGGGSGGGGSGGGGSQIVLTQSPAIMSASPGEKVT
LTCSASSSVSSSHLYWYQQKPGSSPKLWIYSTSNLASGVPARFSGSGSGTSYSLTISSMEAEDAASYFCHQWSSFPFTFG
SGTKLEIKRAPHHHHHH
;
_entity_poly.pdbx_strand_id   A
#
loop_
_chem_comp.id
_chem_comp.type
_chem_comp.name
_chem_comp.formula
B41 non-polymer (2S)-1-(1,3-benzodioxol-5-yl)-N-methylpropan-2-amine 'C11 H15 N O2'
#
# COMPACT_ATOMS: atom_id res chain seq x y z
N GLU A 9 8.96 -11.67 -11.82
CA GLU A 9 8.36 -12.99 -12.23
C GLU A 9 6.84 -12.90 -12.26
N VAL A 10 6.33 -11.71 -11.94
CA VAL A 10 4.90 -11.45 -11.95
C VAL A 10 4.72 -9.96 -12.13
N GLN A 11 3.89 -9.59 -13.09
CA GLN A 11 3.63 -8.18 -13.38
C GLN A 11 2.12 -7.93 -13.42
N LEU A 12 1.70 -6.79 -12.93
CA LEU A 12 0.28 -6.45 -12.87
C LEU A 12 0.03 -5.07 -13.44
N GLN A 13 -1.14 -4.90 -14.07
CA GLN A 13 -1.51 -3.61 -14.65
C GLN A 13 -3.01 -3.36 -14.46
N GLU A 14 -3.34 -2.15 -14.02
CA GLU A 14 -4.73 -1.79 -13.79
C GLU A 14 -5.32 -1.07 -15.01
N SER A 15 -6.60 -1.33 -15.26
CA SER A 15 -7.27 -0.72 -16.40
C SER A 15 -8.72 -0.40 -16.06
N GLY A 16 -9.17 0.79 -16.50
CA GLY A 16 -10.53 1.22 -16.26
C GLY A 16 -10.73 2.72 -16.42
N PRO A 17 -11.98 3.21 -16.39
CA PRO A 17 -12.33 4.63 -16.53
C PRO A 17 -11.53 5.55 -15.61
N SER A 18 -11.18 6.73 -16.12
CA SER A 18 -10.41 7.68 -15.32
C SER A 18 -11.35 8.63 -14.60
N LEU A 19 -12.61 8.63 -15.00
CA LEU A 19 -13.60 9.49 -14.38
C LEU A 19 -14.94 8.76 -14.33
N VAL A 20 -15.62 8.88 -13.20
CA VAL A 20 -16.91 8.25 -12.99
C VAL A 20 -17.83 9.25 -12.31
N LYS A 21 -19.13 9.11 -12.52
CA LYS A 21 -20.10 10.00 -11.91
C LYS A 21 -20.68 9.34 -10.67
N PRO A 22 -21.06 10.14 -9.66
CA PRO A 22 -21.63 9.63 -8.41
C PRO A 22 -22.69 8.55 -8.63
N SER A 23 -22.87 7.72 -7.62
CA SER A 23 -23.86 6.64 -7.68
C SER A 23 -23.51 5.55 -8.67
N GLN A 24 -22.71 5.88 -9.68
CA GLN A 24 -22.32 4.88 -10.66
C GLN A 24 -21.45 3.84 -9.98
N THR A 25 -21.22 2.71 -10.66
CA THR A 25 -20.42 1.63 -10.10
C THR A 25 -19.02 1.55 -10.72
N LEU A 26 -18.01 1.97 -9.96
CA LEU A 26 -16.62 1.91 -10.41
C LEU A 26 -16.19 0.47 -10.61
N SER A 27 -15.56 0.20 -11.75
CA SER A 27 -15.08 -1.14 -12.07
C SER A 27 -13.67 -1.08 -12.63
N LEU A 28 -12.79 -1.92 -12.10
CA LEU A 28 -11.40 -1.96 -12.56
C LEU A 28 -10.93 -3.37 -12.83
N THR A 29 -9.95 -3.49 -13.71
CA THR A 29 -9.42 -4.80 -14.05
C THR A 29 -7.92 -4.83 -13.80
N CYS A 30 -7.45 -5.96 -13.30
CA CYS A 30 -6.04 -6.15 -13.00
C CYS A 30 -5.55 -7.30 -13.86
N SER A 31 -4.77 -6.98 -14.88
CA SER A 31 -4.23 -7.99 -15.78
C SER A 31 -2.91 -8.47 -15.21
N VAL A 32 -2.85 -9.74 -14.86
CA VAL A 32 -1.65 -10.34 -14.28
C VAL A 32 -0.86 -11.17 -15.29
N THR A 33 0.45 -10.96 -15.32
CA THR A 33 1.32 -11.69 -16.24
C THR A 33 2.57 -12.20 -15.53
N GLY A 34 3.06 -13.36 -15.96
CA GLY A 34 4.25 -13.93 -15.35
C GLY A 34 4.08 -15.39 -15.01
N ASP A 35 4.98 -15.90 -14.18
CA ASP A 35 4.94 -17.30 -13.77
C ASP A 35 3.65 -17.61 -13.01
N SER A 36 3.18 -18.85 -13.12
CA SER A 36 1.97 -19.27 -12.42
C SER A 36 2.33 -19.38 -10.95
N VAL A 37 1.33 -19.42 -10.08
CA VAL A 37 1.59 -19.53 -8.65
C VAL A 37 0.73 -20.58 -7.97
N THR A 38 1.27 -21.17 -6.92
CA THR A 38 0.59 -22.22 -6.18
C THR A 38 -0.08 -21.71 -4.89
N SER A 39 -0.10 -20.40 -4.69
CA SER A 39 -0.69 -19.81 -3.48
C SER A 39 -0.65 -18.28 -3.53
N GLY A 40 -0.99 -17.65 -2.41
CA GLY A 40 -0.94 -16.20 -2.35
C GLY A 40 -2.25 -15.43 -2.31
N TYR A 41 -2.11 -14.11 -2.32
CA TYR A 41 -3.26 -13.21 -2.27
C TYR A 41 -3.14 -12.07 -3.26
N TRP A 42 -4.26 -11.65 -3.81
CA TRP A 42 -4.29 -10.52 -4.73
C TRP A 42 -5.08 -9.44 -4.02
N SER A 43 -4.41 -8.35 -3.71
CA SER A 43 -5.04 -7.26 -3.01
C SER A 43 -5.28 -6.04 -3.88
N TRP A 44 -6.22 -5.21 -3.44
CA TRP A 44 -6.52 -3.96 -4.10
C TRP A 44 -6.21 -2.91 -3.03
N ILE A 45 -5.46 -1.89 -3.40
CA ILE A 45 -5.05 -0.85 -2.48
C ILE A 45 -5.17 0.47 -3.23
N ARG A 46 -5.77 1.47 -2.60
CA ARG A 46 -5.91 2.76 -3.27
C ARG A 46 -5.19 3.89 -2.55
N GLN A 47 -4.87 4.94 -3.31
CA GLN A 47 -4.16 6.08 -2.78
C GLN A 47 -4.86 7.39 -3.11
N PHE A 48 -5.24 8.13 -2.07
CA PHE A 48 -5.95 9.39 -2.24
C PHE A 48 -4.96 10.54 -2.43
N PRO A 49 -5.47 11.69 -2.92
CA PRO A 49 -4.59 12.83 -3.11
C PRO A 49 -4.12 13.14 -1.69
N GLY A 50 -2.83 13.41 -1.52
CA GLY A 50 -2.30 13.64 -0.19
C GLY A 50 -1.43 12.42 0.06
N ASN A 51 -1.71 11.37 -0.71
CA ASN A 51 -0.99 10.10 -0.67
C ASN A 51 -1.25 9.13 0.48
N LYS A 52 -2.44 9.19 1.06
CA LYS A 52 -2.78 8.27 2.13
C LYS A 52 -3.19 6.96 1.42
N LEU A 53 -2.65 5.85 1.89
CA LEU A 53 -2.94 4.53 1.32
C LEU A 53 -4.01 3.80 2.14
N ASP A 54 -4.96 3.21 1.42
CA ASP A 54 -6.08 2.53 2.03
C ASP A 54 -6.19 1.09 1.54
N TYR A 55 -6.05 0.12 2.46
CA TYR A 55 -6.16 -1.31 2.09
C TYR A 55 -7.63 -1.69 1.93
N MET A 56 -8.01 -2.09 0.72
CA MET A 56 -9.41 -2.44 0.41
C MET A 56 -9.81 -3.88 0.67
N GLY A 57 -8.94 -4.81 0.31
CA GLY A 57 -9.27 -6.20 0.52
C GLY A 57 -8.46 -7.08 -0.41
N TYR A 58 -8.82 -8.35 -0.47
CA TYR A 58 -8.12 -9.30 -1.30
C TYR A 58 -8.97 -10.52 -1.66
N ILE A 59 -8.39 -11.36 -2.51
CA ILE A 59 -9.00 -12.61 -2.92
C ILE A 59 -7.78 -13.54 -3.00
N SER A 60 -7.83 -14.63 -2.26
CA SER A 60 -6.70 -15.55 -2.25
C SER A 60 -6.68 -16.54 -3.40
N TYR A 61 -5.67 -17.39 -3.35
CA TYR A 61 -5.44 -18.44 -4.33
C TYR A 61 -6.68 -19.33 -4.39
N ARG A 62 -7.34 -19.47 -3.24
CA ARG A 62 -8.52 -20.32 -3.10
C ARG A 62 -9.84 -19.56 -3.09
N GLY A 63 -9.83 -18.34 -3.62
CA GLY A 63 -11.06 -17.57 -3.68
C GLY A 63 -11.51 -16.86 -2.41
N SER A 64 -10.93 -17.20 -1.27
CA SER A 64 -11.31 -16.54 -0.01
C SER A 64 -11.17 -15.03 -0.18
N THR A 65 -12.18 -14.28 0.23
CA THR A 65 -12.09 -12.83 0.13
C THR A 65 -12.13 -12.19 1.50
N TYR A 66 -11.66 -10.95 1.56
CA TYR A 66 -11.64 -10.19 2.79
C TYR A 66 -11.75 -8.72 2.44
N TYR A 67 -12.71 -8.04 3.05
CA TYR A 67 -12.93 -6.64 2.76
C TYR A 67 -12.70 -5.75 3.96
N ASN A 68 -12.25 -4.54 3.70
CA ASN A 68 -12.07 -3.58 4.77
C ASN A 68 -13.51 -3.25 5.21
N PRO A 69 -13.84 -3.48 6.48
CA PRO A 69 -15.17 -3.20 7.03
C PRO A 69 -15.79 -1.90 6.54
N SER A 70 -14.93 -0.91 6.29
CA SER A 70 -15.37 0.41 5.84
C SER A 70 -15.93 0.41 4.42
N LEU A 71 -15.68 -0.64 3.64
CA LEU A 71 -16.20 -0.73 2.28
C LEU A 71 -17.25 -1.83 2.19
N LYS A 72 -17.21 -2.74 3.17
CA LYS A 72 -18.11 -3.89 3.27
C LYS A 72 -19.31 -4.00 2.32
N SER A 73 -20.23 -3.05 2.42
CA SER A 73 -21.44 -3.08 1.60
C SER A 73 -21.26 -2.81 0.10
N ARG A 74 -20.26 -1.99 -0.26
CA ARG A 74 -20.04 -1.61 -1.66
C ARG A 74 -19.00 -2.35 -2.48
N ILE A 75 -18.18 -3.16 -1.83
CA ILE A 75 -17.10 -3.82 -2.53
C ILE A 75 -17.29 -5.30 -2.84
N SER A 76 -16.54 -5.76 -3.84
CA SER A 76 -16.53 -7.14 -4.27
C SER A 76 -15.29 -7.32 -5.12
N ILE A 77 -14.53 -8.36 -4.82
CA ILE A 77 -13.33 -8.66 -5.56
C ILE A 77 -13.54 -10.05 -6.11
N THR A 78 -13.42 -10.18 -7.42
CA THR A 78 -13.62 -11.46 -8.09
C THR A 78 -12.43 -11.78 -8.96
N ARG A 79 -12.22 -13.08 -9.18
CA ARG A 79 -11.12 -13.57 -9.99
C ARG A 79 -11.69 -14.18 -11.27
N ASP A 80 -10.79 -14.39 -12.23
CA ASP A 80 -11.12 -15.01 -13.52
C ASP A 80 -9.82 -15.70 -13.93
N THR A 81 -9.62 -16.90 -13.43
CA THR A 81 -8.40 -17.64 -13.72
C THR A 81 -8.13 -17.88 -15.20
N SER A 82 -9.14 -18.36 -15.92
CA SER A 82 -9.02 -18.65 -17.34
C SER A 82 -8.28 -17.54 -18.09
N LYS A 83 -8.59 -16.30 -17.77
CA LYS A 83 -7.93 -15.19 -18.44
C LYS A 83 -6.96 -14.44 -17.53
N ASN A 84 -6.54 -15.09 -16.45
CA ASN A 84 -5.61 -14.52 -15.49
C ASN A 84 -5.86 -13.05 -15.14
N GLN A 85 -7.03 -12.79 -14.56
CA GLN A 85 -7.40 -11.44 -14.16
C GLN A 85 -8.17 -11.47 -12.84
N VAL A 86 -8.17 -10.33 -12.14
CA VAL A 86 -8.89 -10.18 -10.88
C VAL A 86 -9.58 -8.84 -11.02
N TYR A 87 -10.74 -8.67 -10.39
CA TYR A 87 -11.47 -7.42 -10.54
C TYR A 87 -11.88 -6.64 -9.30
N LEU A 88 -12.13 -5.36 -9.51
CA LEU A 88 -12.57 -4.46 -8.46
C LEU A 88 -13.91 -3.90 -8.90
N GLN A 89 -14.87 -3.90 -7.97
CA GLN A 89 -16.20 -3.37 -8.23
C GLN A 89 -16.56 -2.58 -6.98
N LEU A 90 -16.98 -1.34 -7.17
CA LEU A 90 -17.33 -0.48 -6.04
C LEU A 90 -18.55 0.36 -6.41
N LYS A 91 -19.66 0.14 -5.71
CA LYS A 91 -20.90 0.84 -5.97
C LYS A 91 -21.10 2.10 -5.12
N SER A 92 -21.93 3.01 -5.62
CA SER A 92 -22.25 4.24 -4.92
C SER A 92 -21.05 5.14 -4.66
N VAL A 93 -20.23 5.32 -5.70
CA VAL A 93 -19.03 6.15 -5.61
C VAL A 93 -19.35 7.62 -5.30
N SER A 94 -18.38 8.30 -4.68
CA SER A 94 -18.53 9.70 -4.34
C SER A 94 -17.14 10.31 -4.41
N SER A 95 -17.05 11.64 -4.27
CA SER A 95 -15.75 12.31 -4.36
C SER A 95 -14.73 11.76 -3.37
N GLU A 96 -15.18 10.91 -2.45
CA GLU A 96 -14.28 10.35 -1.45
C GLU A 96 -13.61 9.09 -1.98
N ASP A 97 -14.06 8.63 -3.15
CA ASP A 97 -13.51 7.43 -3.77
C ASP A 97 -12.50 7.79 -4.86
N THR A 98 -12.26 9.08 -5.04
CA THR A 98 -11.30 9.54 -6.04
C THR A 98 -9.89 9.22 -5.54
N ALA A 99 -9.16 8.45 -6.34
CA ALA A 99 -7.80 8.06 -5.99
C ALA A 99 -7.22 7.11 -7.03
N THR A 100 -5.91 6.93 -6.99
CA THR A 100 -5.28 6.01 -7.91
C THR A 100 -5.39 4.63 -7.27
N TYR A 101 -5.89 3.66 -8.03
CA TYR A 101 -6.06 2.31 -7.53
C TYR A 101 -4.96 1.35 -7.99
N TYR A 102 -4.46 0.54 -7.06
CA TYR A 102 -3.41 -0.45 -7.36
C TYR A 102 -3.83 -1.86 -6.96
N CYS A 103 -3.32 -2.85 -7.68
CA CYS A 103 -3.56 -4.24 -7.33
C CYS A 103 -2.17 -4.77 -6.99
N SER A 104 -2.10 -5.72 -6.07
CA SER A 104 -0.81 -6.24 -5.62
C SER A 104 -0.87 -7.71 -5.31
N TYR A 105 0.25 -8.40 -5.48
CA TYR A 105 0.31 -9.83 -5.19
C TYR A 105 1.33 -10.18 -4.11
N PHE A 106 0.95 -11.05 -3.18
CA PHE A 106 1.85 -11.43 -2.10
C PHE A 106 1.71 -12.90 -1.71
N ASP A 107 2.84 -13.58 -1.57
CA ASP A 107 2.84 -14.99 -1.19
C ASP A 107 3.22 -15.10 0.28
N SER A 108 2.27 -15.53 1.11
CA SER A 108 2.49 -15.69 2.55
C SER A 108 3.78 -16.42 2.89
N ASP A 109 4.16 -17.38 2.05
CA ASP A 109 5.38 -18.15 2.28
C ASP A 109 6.66 -17.39 1.96
N ASP A 110 6.53 -16.24 1.30
CA ASP A 110 7.70 -15.43 0.95
C ASP A 110 7.53 -13.99 1.45
N TYR A 111 7.63 -13.82 2.76
CA TYR A 111 7.49 -12.51 3.42
C TYR A 111 8.31 -11.38 2.79
N ALA A 112 9.36 -11.74 2.08
CA ALA A 112 10.30 -10.78 1.50
C ALA A 112 9.98 -10.09 0.18
N MET A 113 8.90 -10.48 -0.50
CA MET A 113 8.60 -9.81 -1.76
C MET A 113 7.13 -9.50 -1.96
N GLU A 114 6.86 -8.42 -2.70
CA GLU A 114 5.49 -8.03 -2.98
C GLU A 114 5.46 -7.38 -4.35
N TYR A 115 4.43 -7.68 -5.12
CA TYR A 115 4.34 -7.09 -6.45
C TYR A 115 3.17 -6.15 -6.57
N TRP A 116 3.46 -4.93 -7.05
CA TRP A 116 2.46 -3.89 -7.24
C TRP A 116 2.33 -3.53 -8.71
N GLY A 117 1.16 -3.01 -9.08
CA GLY A 117 0.94 -2.60 -10.46
C GLY A 117 1.22 -1.12 -10.62
N GLN A 118 1.01 -0.61 -11.83
CA GLN A 118 1.23 0.79 -12.18
C GLN A 118 0.26 1.74 -11.47
N GLY A 119 -0.97 1.29 -11.29
CA GLY A 119 -1.98 2.11 -10.64
C GLY A 119 -2.72 3.07 -11.56
N THR A 120 -3.97 2.76 -11.87
CA THR A 120 -4.74 3.66 -12.74
C THR A 120 -5.58 4.60 -11.91
N SER A 121 -5.40 5.90 -12.12
CA SER A 121 -6.15 6.89 -11.39
C SER A 121 -7.62 6.88 -11.82
N VAL A 122 -8.49 7.13 -10.85
CA VAL A 122 -9.93 7.14 -11.08
C VAL A 122 -10.52 8.32 -10.34
N THR A 123 -11.34 9.10 -11.03
CA THR A 123 -11.95 10.25 -10.42
C THR A 123 -13.48 10.13 -10.39
N VAL A 124 -14.11 10.97 -9.60
CA VAL A 124 -15.57 10.97 -9.48
C VAL A 124 -16.07 12.39 -9.69
N SER A 125 -16.98 12.55 -10.65
CA SER A 125 -17.58 13.85 -10.98
C SER A 125 -17.95 14.67 -9.73
N GLY A 126 -17.15 15.72 -9.48
CA GLY A 126 -17.33 16.59 -8.33
C GLY A 126 -18.67 16.61 -7.61
N GLY A 127 -18.61 16.57 -6.28
CA GLY A 127 -19.83 16.59 -5.50
C GLY A 127 -19.79 15.57 -4.37
N GLY A 128 -20.70 14.61 -4.40
CA GLY A 128 -20.75 13.56 -3.39
C GLY A 128 -20.72 14.04 -1.94
N GLY A 129 -21.77 13.73 -1.20
CA GLY A 129 -21.85 14.12 0.20
C GLY A 129 -22.66 13.17 1.06
N SER A 135 -21.09 2.40 4.37
CA SER A 135 -22.46 2.78 4.82
C SER A 135 -23.00 1.77 5.82
N GLY A 136 -22.20 0.72 6.09
CA GLY A 136 -22.61 -0.31 7.02
C GLY A 136 -21.53 -1.35 7.30
N GLY A 137 -20.45 -0.92 7.94
CA GLY A 137 -19.36 -1.82 8.25
C GLY A 137 -19.25 -2.09 9.74
N GLY A 138 -18.45 -1.27 10.43
CA GLY A 138 -18.28 -1.45 11.86
C GLY A 138 -17.03 -2.28 12.11
N GLY A 139 -16.05 -1.68 12.76
CA GLY A 139 -14.82 -2.39 13.02
C GLY A 139 -13.77 -1.58 13.72
N SER A 140 -12.64 -2.20 14.01
CA SER A 140 -11.55 -1.52 14.68
C SER A 140 -10.30 -1.70 13.84
N GLN A 141 -9.32 -0.82 14.04
CA GLN A 141 -8.09 -0.92 13.28
C GLN A 141 -6.94 -0.25 14.01
N ILE A 142 -5.73 -0.72 13.75
CA ILE A 142 -4.57 -0.14 14.38
C ILE A 142 -4.08 1.07 13.58
N VAL A 143 -3.90 2.19 14.27
CA VAL A 143 -3.43 3.40 13.62
C VAL A 143 -1.92 3.49 13.65
N LEU A 144 -1.35 3.86 12.51
CA LEU A 144 0.09 4.00 12.39
C LEU A 144 0.37 5.47 12.17
N THR A 145 1.20 6.05 13.03
CA THR A 145 1.53 7.46 12.92
C THR A 145 2.98 7.70 12.55
N GLN A 146 3.19 8.51 11.52
CA GLN A 146 4.53 8.83 11.06
C GLN A 146 4.86 10.30 11.25
N SER A 147 5.73 10.59 12.19
CA SER A 147 6.13 11.97 12.46
C SER A 147 7.65 12.01 12.40
N PRO A 148 8.22 13.05 11.77
CA PRO A 148 7.51 14.16 11.14
C PRO A 148 6.92 13.77 9.79
N ALA A 149 6.04 14.62 9.26
CA ALA A 149 5.39 14.39 7.98
C ALA A 149 6.29 14.68 6.79
N ILE A 150 7.10 15.72 6.92
CA ILE A 150 8.04 16.14 5.88
C ILE A 150 9.40 16.36 6.51
N MET A 151 10.46 16.04 5.78
CA MET A 151 11.79 16.18 6.34
C MET A 151 12.88 16.47 5.30
N SER A 152 13.85 17.29 5.69
CA SER A 152 14.98 17.64 4.82
C SER A 152 16.29 17.28 5.48
N ALA A 153 17.20 16.70 4.71
CA ALA A 153 18.50 16.31 5.20
C ALA A 153 19.52 16.51 4.10
N SER A 154 20.72 16.92 4.47
CA SER A 154 21.78 17.14 3.49
C SER A 154 22.48 15.80 3.24
N PRO A 155 23.04 15.63 2.05
CA PRO A 155 23.72 14.37 1.78
C PRO A 155 24.75 14.08 2.87
N GLY A 156 24.80 12.84 3.34
CA GLY A 156 25.78 12.50 4.34
C GLY A 156 25.24 12.36 5.74
N GLU A 157 24.09 12.99 6.02
CA GLU A 157 23.51 12.90 7.36
C GLU A 157 22.88 11.54 7.65
N LYS A 158 22.94 11.13 8.90
CA LYS A 158 22.31 9.88 9.31
C LYS A 158 20.83 10.24 9.54
N VAL A 159 19.94 9.51 8.87
CA VAL A 159 18.51 9.76 8.95
C VAL A 159 17.71 8.65 9.63
N THR A 160 16.78 9.07 10.49
CA THR A 160 15.91 8.14 11.21
C THR A 160 14.44 8.52 11.08
N LEU A 161 13.64 7.57 10.63
CA LEU A 161 12.20 7.77 10.47
C LEU A 161 11.50 6.83 11.43
N THR A 162 10.44 7.33 12.07
CA THR A 162 9.70 6.55 13.04
C THR A 162 8.25 6.24 12.67
N CYS A 163 7.77 5.15 13.23
CA CYS A 163 6.40 4.72 13.00
C CYS A 163 5.85 4.28 14.35
N SER A 164 4.80 4.96 14.78
CA SER A 164 4.16 4.68 16.06
C SER A 164 2.80 4.01 15.85
N ALA A 165 2.63 2.81 16.40
CA ALA A 165 1.36 2.10 16.27
C ALA A 165 0.48 2.36 17.49
N SER A 166 -0.83 2.53 17.27
CA SER A 166 -1.74 2.81 18.39
C SER A 166 -1.97 1.59 19.28
N SER A 167 -1.56 0.42 18.81
CA SER A 167 -1.72 -0.80 19.59
C SER A 167 -0.63 -1.76 19.12
N SER A 168 -0.20 -2.66 20.01
CA SER A 168 0.86 -3.61 19.67
C SER A 168 0.60 -4.44 18.42
N VAL A 169 1.66 -4.70 17.65
CA VAL A 169 1.56 -5.51 16.45
C VAL A 169 2.77 -6.43 16.43
N SER A 170 2.64 -7.57 15.75
CA SER A 170 3.75 -8.51 15.65
C SER A 170 4.83 -7.84 14.80
N SER A 171 6.01 -7.71 15.37
CA SER A 171 7.13 -7.07 14.68
C SER A 171 7.48 -7.73 13.35
N SER A 172 7.04 -8.96 13.15
CA SER A 172 7.31 -9.66 11.90
C SER A 172 6.29 -9.24 10.82
N HIS A 173 5.28 -8.48 11.24
CA HIS A 173 4.25 -8.04 10.31
C HIS A 173 4.28 -6.54 10.11
N LEU A 174 5.42 -5.94 10.45
CA LEU A 174 5.58 -4.50 10.29
C LEU A 174 6.54 -4.29 9.10
N TYR A 175 6.03 -3.64 8.06
CA TYR A 175 6.75 -3.39 6.82
C TYR A 175 6.93 -1.91 6.46
N TRP A 176 7.92 -1.62 5.63
CA TRP A 176 8.19 -0.24 5.15
C TRP A 176 8.19 -0.19 3.61
N TYR A 177 7.74 0.94 3.06
CA TYR A 177 7.66 1.15 1.61
C TYR A 177 8.23 2.51 1.15
N GLN A 178 8.83 2.52 -0.03
CA GLN A 178 9.35 3.77 -0.60
C GLN A 178 8.59 4.05 -1.89
N GLN A 179 8.23 5.31 -2.10
CA GLN A 179 7.49 5.69 -3.31
C GLN A 179 7.95 7.05 -3.85
N LYS A 180 8.10 7.13 -5.16
CA LYS A 180 8.50 8.36 -5.81
C LYS A 180 7.39 8.79 -6.77
N PRO A 181 7.25 10.10 -6.98
CA PRO A 181 6.21 10.63 -7.88
C PRO A 181 6.12 9.90 -9.21
N GLY A 182 4.89 9.63 -9.63
CA GLY A 182 4.67 8.94 -10.88
C GLY A 182 4.98 7.46 -10.83
N SER A 183 5.07 6.91 -9.63
CA SER A 183 5.37 5.49 -9.49
C SER A 183 4.67 4.90 -8.27
N SER A 184 4.55 3.58 -8.24
CA SER A 184 3.87 2.90 -7.14
C SER A 184 4.79 2.52 -5.97
N PRO A 185 4.22 2.18 -4.81
CA PRO A 185 5.02 1.79 -3.64
C PRO A 185 5.87 0.56 -3.89
N LYS A 186 7.12 0.58 -3.42
CA LYS A 186 8.03 -0.56 -3.56
C LYS A 186 8.36 -1.07 -2.16
N LEU A 187 8.28 -2.39 -1.95
CA LEU A 187 8.59 -2.95 -0.63
C LEU A 187 10.03 -2.62 -0.30
N TRP A 188 10.24 -2.00 0.85
CA TRP A 188 11.57 -1.58 1.25
C TRP A 188 12.13 -2.40 2.42
N ILE A 189 11.28 -2.69 3.41
CA ILE A 189 11.69 -3.46 4.57
C ILE A 189 10.60 -4.43 5.01
N TYR A 190 10.96 -5.69 5.24
CA TYR A 190 9.97 -6.67 5.70
C TYR A 190 10.32 -7.19 7.07
N SER A 191 9.29 -7.37 7.89
CA SER A 191 9.48 -7.86 9.24
C SER A 191 10.44 -7.01 10.07
N THR A 192 10.06 -5.75 10.28
CA THR A 192 10.82 -4.79 11.07
C THR A 192 12.26 -4.45 10.66
N SER A 193 13.09 -5.43 10.34
CA SER A 193 14.50 -5.13 9.99
C SER A 193 15.17 -5.83 8.81
N ASN A 194 14.39 -6.46 7.94
CA ASN A 194 14.96 -7.16 6.79
C ASN A 194 14.78 -6.35 5.50
N LEU A 195 15.89 -6.05 4.83
CA LEU A 195 15.83 -5.29 3.60
C LEU A 195 15.30 -6.14 2.46
N ALA A 196 14.51 -5.53 1.59
CA ALA A 196 13.95 -6.21 0.45
C ALA A 196 14.96 -6.17 -0.69
N SER A 197 14.72 -6.93 -1.74
CA SER A 197 15.62 -6.96 -2.89
C SER A 197 15.58 -5.61 -3.59
N GLY A 198 16.76 -5.06 -3.87
CA GLY A 198 16.84 -3.77 -4.53
C GLY A 198 17.11 -2.62 -3.58
N VAL A 199 17.27 -2.90 -2.29
CA VAL A 199 17.50 -1.85 -1.31
C VAL A 199 18.96 -1.77 -0.87
N PRO A 200 19.55 -0.56 -0.90
CA PRO A 200 20.95 -0.40 -0.50
C PRO A 200 21.07 -0.74 0.98
N ALA A 201 22.15 -1.45 1.34
CA ALA A 201 22.37 -1.86 2.73
C ALA A 201 22.61 -0.71 3.70
N ARG A 202 22.67 0.51 3.17
CA ARG A 202 22.83 1.67 4.05
C ARG A 202 21.54 1.89 4.85
N PHE A 203 20.45 1.20 4.47
CA PHE A 203 19.17 1.26 5.16
C PHE A 203 19.11 0.17 6.25
N SER A 204 18.32 0.40 7.29
CA SER A 204 18.14 -0.56 8.38
C SER A 204 16.82 -0.24 9.09
N GLY A 205 16.27 -1.22 9.79
CA GLY A 205 15.05 -0.99 10.52
C GLY A 205 15.07 -1.68 11.86
N SER A 206 14.28 -1.18 12.82
CA SER A 206 14.24 -1.79 14.12
C SER A 206 12.98 -1.39 14.88
N GLY A 207 12.69 -2.10 15.97
CA GLY A 207 11.54 -1.78 16.78
C GLY A 207 10.79 -2.98 17.32
N SER A 208 9.82 -2.72 18.19
CA SER A 208 9.02 -3.78 18.77
C SER A 208 7.78 -3.21 19.43
N GLY A 209 6.77 -4.05 19.63
CA GLY A 209 5.55 -3.60 20.26
C GLY A 209 4.83 -2.56 19.42
N THR A 210 4.85 -1.32 19.89
CA THR A 210 4.19 -0.24 19.17
C THR A 210 5.21 0.81 18.69
N SER A 211 6.49 0.47 18.71
CA SER A 211 7.53 1.43 18.32
C SER A 211 8.54 0.90 17.30
N TYR A 212 8.56 1.51 16.11
CA TYR A 212 9.45 1.06 15.05
C TYR A 212 10.15 2.21 14.34
N SER A 213 11.25 1.90 13.66
CA SER A 213 11.95 2.95 12.97
C SER A 213 12.78 2.43 11.81
N LEU A 214 12.95 3.30 10.81
CA LEU A 214 13.73 3.01 9.63
C LEU A 214 14.91 3.98 9.68
N THR A 215 16.11 3.50 9.37
CA THR A 215 17.29 4.33 9.40
C THR A 215 18.14 4.26 8.15
N ILE A 216 18.65 5.41 7.72
CA ILE A 216 19.55 5.49 6.57
C ILE A 216 20.89 5.92 7.17
N SER A 217 21.92 5.08 7.08
CA SER A 217 23.22 5.44 7.65
C SER A 217 23.82 6.69 7.04
N SER A 218 23.74 6.82 5.71
CA SER A 218 24.28 8.00 5.06
C SER A 218 23.37 8.42 3.91
N MET A 219 22.68 9.53 4.09
CA MET A 219 21.74 10.09 3.11
C MET A 219 22.28 10.32 1.70
N GLU A 220 21.64 9.70 0.71
CA GLU A 220 22.04 9.87 -0.68
C GLU A 220 20.93 10.61 -1.39
N ALA A 221 21.27 11.30 -2.46
CA ALA A 221 20.27 12.05 -3.21
C ALA A 221 19.13 11.18 -3.71
N GLU A 222 19.40 9.91 -4.02
CA GLU A 222 18.36 9.02 -4.51
C GLU A 222 17.40 8.52 -3.42
N ASP A 223 17.71 8.82 -2.17
CA ASP A 223 16.85 8.37 -1.08
C ASP A 223 15.72 9.34 -0.85
N ALA A 224 15.76 10.48 -1.53
CA ALA A 224 14.70 11.46 -1.42
C ALA A 224 13.46 10.84 -2.04
N ALA A 225 12.40 10.70 -1.24
CA ALA A 225 11.15 10.10 -1.69
C ALA A 225 10.23 10.03 -0.49
N SER A 226 9.11 9.32 -0.64
CA SER A 226 8.16 9.14 0.45
C SER A 226 8.33 7.74 1.06
N TYR A 227 8.08 7.63 2.35
CA TYR A 227 8.19 6.34 3.05
C TYR A 227 6.95 6.10 3.92
N PHE A 228 6.38 4.92 3.81
CA PHE A 228 5.20 4.56 4.57
C PHE A 228 5.44 3.27 5.35
N CYS A 229 4.98 3.21 6.59
CA CYS A 229 5.12 1.96 7.30
C CYS A 229 3.80 1.25 7.12
N HIS A 230 3.83 -0.06 7.27
CA HIS A 230 2.64 -0.86 7.04
C HIS A 230 2.50 -1.94 8.10
N GLN A 231 1.26 -2.24 8.42
CA GLN A 231 0.94 -3.23 9.44
C GLN A 231 -0.06 -4.25 8.92
N TRP A 232 0.27 -5.54 9.01
CA TRP A 232 -0.67 -6.57 8.60
C TRP A 232 -0.71 -7.67 9.68
N SER A 233 -0.55 -7.24 10.92
CA SER A 233 -0.59 -8.12 12.07
C SER A 233 -2.06 -8.29 12.48
N SER A 234 -2.84 -7.25 12.25
CA SER A 234 -4.28 -7.23 12.56
C SER A 234 -5.11 -6.79 11.34
N PHE A 235 -6.34 -7.31 11.23
CA PHE A 235 -7.21 -6.95 10.11
C PHE A 235 -8.16 -5.82 10.54
N PRO A 236 -8.36 -4.81 9.68
CA PRO A 236 -7.75 -4.70 8.35
C PRO A 236 -6.35 -4.13 8.45
N PHE A 237 -5.48 -4.54 7.54
CA PHE A 237 -4.12 -4.04 7.52
C PHE A 237 -4.20 -2.54 7.31
N THR A 238 -3.18 -1.82 7.76
CA THR A 238 -3.17 -0.38 7.61
C THR A 238 -1.81 0.19 7.18
N PHE A 239 -1.82 1.46 6.79
CA PHE A 239 -0.59 2.13 6.38
C PHE A 239 -0.47 3.40 7.20
N GLY A 240 0.76 3.85 7.39
CA GLY A 240 0.98 5.06 8.15
C GLY A 240 0.74 6.31 7.32
N SER A 241 0.65 7.42 8.01
CA SER A 241 0.43 8.72 7.39
C SER A 241 1.53 8.98 6.36
N GLY A 242 2.76 8.58 6.67
CA GLY A 242 3.85 8.76 5.73
C GLY A 242 4.81 9.89 6.02
N THR A 243 6.05 9.74 5.56
CA THR A 243 7.06 10.78 5.73
C THR A 243 7.69 11.06 4.37
N LYS A 244 7.65 12.32 3.96
CA LYS A 244 8.23 12.73 2.69
C LYS A 244 9.64 13.25 3.01
N LEU A 245 10.65 12.62 2.45
CA LEU A 245 12.04 13.00 2.70
C LEU A 245 12.64 13.77 1.54
N GLU A 246 13.24 14.91 1.84
CA GLU A 246 13.85 15.75 0.82
C GLU A 246 15.33 16.01 1.08
N ILE A 247 16.02 16.46 0.03
CA ILE A 247 17.45 16.78 0.12
C ILE A 247 17.57 18.29 0.14
N LYS A 248 18.42 18.81 1.03
CA LYS A 248 18.62 20.26 1.13
C LYS A 248 19.47 20.77 -0.02
N ARG A 249 19.52 22.09 -0.16
CA ARG A 249 20.28 22.82 -1.20
C ARG A 249 19.40 23.21 -2.39
N ALA A 250 19.06 24.49 -2.46
CA ALA A 250 18.23 25.01 -3.54
C ALA A 250 19.07 25.35 -4.77
O1 B41 B . -1.68 -11.86 5.08
O2 B41 B . -3.73 -12.02 4.10
N B41 B . 1.43 -6.60 2.57
CA B41 B . 0.16 -7.32 2.80
C B41 B . -1.01 -6.36 2.53
CB B41 B . 0.07 -8.55 1.86
CG B41 B . -0.96 -9.55 2.33
CD1 B41 B . -0.62 -10.48 3.36
CD2 B41 B . -2.25 -9.61 1.74
CE1 B41 B . -1.57 -11.43 3.78
CE2 B41 B . -3.19 -10.57 2.18
CZ B41 B . -2.84 -11.48 3.20
CM B41 B . 2.49 -7.18 3.41
CT B41 B . -2.91 -12.62 5.14
#